data_7NE3
#
_entry.id   7NE3
#
_cell.length_a   47.994
_cell.length_b   87.711
_cell.length_c   260.531
_cell.angle_alpha   90.000
_cell.angle_beta   90.000
_cell.angle_gamma   90.000
#
_symmetry.space_group_name_H-M   'C 2 2 21'
#
loop_
_entity.id
_entity.type
_entity.pdbx_description
1 polymer 'Methylcytosine dioxygenase TET2'
2 polymer "DNA (5'-D(*AP*CP*AP*GP*GP*(5CM)P*GP*CP*CP*TP*G)-3')"
3 non-polymer 'ZINC ION'
4 non-polymer 'FE (II) ION'
5 non-polymer N-OXALYLGLYCINE
6 non-polymer 1,2-ETHANEDIOL
7 non-polymer '2-(N-MORPHOLINO)-ETHANESULFONIC ACID'
8 water water
#
loop_
_entity_poly.entity_id
_entity_poly.type
_entity_poly.pdbx_seq_one_letter_code
_entity_poly.pdbx_strand_id
1 'polypeptide(L)'
;GGSDFPSCRCVEQIIEKDEGPFYTHLGAGPNVAAIREIMEERFGQKGKAIRIERVIYTGKEGKSSQGCPIAKWVVRRSSS
EEKLLCLVRERAGHTCEAAVIVILILVWEGIPLSLADKLYSELTETLRKYGTLTNRRCALNEERTCACQGLDPETCGASF
SFGCSWSMYYNGCKFARSKIPRKFKLLGDDPKEEEKLESHLQNLSTLMAPTYKKLAPDAYNNQIEYEHRAPECRLGLKEG
RPFSGVTACLDFCAHAHRDLHNMQNGSTLVCTLTREDNREFGGKPEDEQLHVLPLYKVSDVDEFGSVEAQEEKKRSGAIQ
VLSSFRRKVRMLAEPVKTCRQRKLEAKKAAAEKLSGGGGSGGGGSGGGGSDEVWSDSEQSFLDPDIGGVAVAPTHGSILI
ECAKRELHATTPLKNPNRNHPTRISLVFYQHKSMNEPKHGLALWEAKMAEKAREKEEECEKYG
;
A
2 'polydeoxyribonucleotide' (DA)(DC)(DA)(DC)(DA)(5CM)(DG)(DT)(DG)(DT)(DG)(DT) B,C
#
# COMPACT_ATOMS: atom_id res chain seq x y z
N SER A 7 -3.14 -27.65 2.88
CA SER A 7 -4.50 -28.12 2.63
C SER A 7 -4.56 -28.90 1.33
N CYS A 8 -3.44 -28.97 0.63
CA CYS A 8 -3.41 -29.66 -0.65
C CYS A 8 -2.30 -30.71 -0.64
N ARG A 9 -2.48 -31.69 -1.51
CA ARG A 9 -1.51 -32.78 -1.68
C ARG A 9 -0.73 -32.64 -2.99
N CYS A 10 -0.81 -31.47 -3.64
CA CYS A 10 0.16 -31.13 -4.68
C CYS A 10 1.58 -31.24 -4.15
N VAL A 11 1.78 -30.80 -2.90
CA VAL A 11 3.05 -30.86 -2.18
C VAL A 11 4.24 -30.50 -3.06
N ILE A 14 6.49 -30.22 0.73
CA ILE A 14 5.33 -29.44 1.12
C ILE A 14 5.28 -28.14 0.31
N ILE A 15 4.97 -27.03 0.98
CA ILE A 15 4.80 -25.74 0.33
C ILE A 15 5.94 -24.82 0.77
N GLU A 16 6.57 -24.16 -0.19
CA GLU A 16 7.80 -23.40 0.04
C GLU A 16 7.62 -21.93 -0.33
N LYS A 17 8.75 -21.22 -0.40
CA LYS A 17 8.78 -19.81 -0.80
C LYS A 17 8.87 -19.65 -2.31
N ASP A 18 9.30 -20.70 -3.03
CA ASP A 18 9.41 -20.64 -4.48
C ASP A 18 8.10 -20.23 -5.16
N GLU A 19 6.97 -20.53 -4.53
CA GLU A 19 5.68 -20.19 -5.11
C GLU A 19 5.14 -18.86 -4.61
N GLY A 20 5.78 -18.26 -3.61
CA GLY A 20 5.31 -17.03 -3.04
C GLY A 20 4.55 -17.25 -1.74
N PRO A 21 4.28 -16.18 -1.01
CA PRO A 21 3.46 -16.31 0.20
C PRO A 21 2.10 -16.87 -0.16
N PHE A 22 1.62 -17.82 0.63
CA PHE A 22 0.31 -18.44 0.41
C PHE A 22 -0.71 -17.89 1.39
N TYR A 23 -1.82 -17.38 0.85
CA TYR A 23 -2.96 -16.92 1.63
C TYR A 23 -4.13 -16.84 0.68
N THR A 24 -5.34 -16.83 1.24
CA THR A 24 -6.54 -16.87 0.42
C THR A 24 -7.55 -15.79 0.77
N HIS A 25 -7.29 -14.98 1.79
CA HIS A 25 -8.32 -14.09 2.31
C HIS A 25 -8.62 -12.90 1.41
N LEU A 26 -7.85 -12.71 0.32
CA LEU A 26 -8.30 -11.78 -0.71
C LEU A 26 -9.08 -12.52 -1.80
N GLY A 27 -8.95 -13.83 -1.86
CA GLY A 27 -9.72 -14.66 -2.78
C GLY A 27 -8.81 -15.71 -3.41
N ALA A 28 -9.38 -16.87 -3.70
CA ALA A 28 -8.65 -18.01 -4.24
C ALA A 28 -9.61 -18.89 -5.03
N GLY A 29 -9.05 -19.73 -5.90
CA GLY A 29 -9.83 -20.60 -6.76
C GLY A 29 -8.96 -21.51 -7.60
N PRO A 30 -9.56 -22.51 -8.26
CA PRO A 30 -8.76 -23.48 -8.99
C PRO A 30 -8.14 -22.95 -10.27
N ASN A 31 -8.64 -21.85 -10.83
CA ASN A 31 -8.09 -21.31 -12.06
C ASN A 31 -8.51 -19.86 -12.15
N VAL A 32 -7.91 -19.15 -13.11
CA VAL A 32 -8.21 -17.74 -13.33
C VAL A 32 -9.70 -17.55 -13.62
N ALA A 33 -10.30 -18.46 -14.40
CA ALA A 33 -11.72 -18.35 -14.69
C ALA A 33 -12.55 -18.25 -13.41
N ALA A 34 -12.20 -19.05 -12.40
CA ALA A 34 -12.93 -19.02 -11.13
C ALA A 34 -12.77 -17.70 -10.41
N ILE A 35 -11.60 -17.06 -10.57
CA ILE A 35 -11.41 -15.75 -9.94
C ILE A 35 -12.36 -14.74 -10.56
N ARG A 36 -12.47 -14.73 -11.90
CA ARG A 36 -13.41 -13.83 -12.55
C ARG A 36 -14.82 -14.03 -12.01
N GLU A 37 -15.21 -15.28 -11.79
CA GLU A 37 -16.53 -15.58 -11.27
C GLU A 37 -16.71 -15.02 -9.87
N ILE A 38 -15.70 -15.18 -9.01
CA ILE A 38 -15.74 -14.55 -7.69
C ILE A 38 -15.84 -13.04 -7.82
N MET A 39 -15.00 -12.46 -8.69
CA MET A 39 -14.93 -10.99 -8.71
C MET A 39 -16.18 -10.38 -9.31
N GLU A 40 -16.72 -11.02 -10.36
CA GLU A 40 -17.97 -10.54 -10.95
C GLU A 40 -19.08 -10.55 -9.91
N GLU A 41 -19.12 -11.61 -9.09
CA GLU A 41 -20.12 -11.69 -8.03
C GLU A 41 -19.95 -10.56 -7.04
N ARG A 42 -18.73 -10.34 -6.57
CA ARG A 42 -18.50 -9.34 -5.54
C ARG A 42 -18.79 -7.94 -6.06
N PHE A 43 -18.31 -7.63 -7.26
CA PHE A 43 -18.40 -6.28 -7.78
C PHE A 43 -19.77 -5.94 -8.35
N GLY A 44 -20.54 -6.94 -8.75
CA GLY A 44 -21.86 -6.74 -9.31
C GLY A 44 -21.89 -6.54 -10.81
N GLN A 45 -20.76 -6.71 -11.48
CA GLN A 45 -20.64 -6.49 -12.93
C GLN A 45 -19.92 -7.67 -13.57
N LYS A 46 -20.36 -8.02 -14.78
CA LYS A 46 -19.70 -9.03 -15.59
C LYS A 46 -19.00 -8.38 -16.77
N GLY A 47 -17.85 -8.92 -17.15
CA GLY A 47 -17.26 -8.57 -18.42
C GLY A 47 -16.08 -7.60 -18.39
N LYS A 48 -16.05 -6.70 -19.36
CA LYS A 48 -14.96 -5.74 -19.54
C LYS A 48 -14.72 -4.89 -18.30
N ALA A 49 -15.67 -4.83 -17.38
CA ALA A 49 -15.52 -4.00 -16.19
C ALA A 49 -14.44 -4.54 -15.26
N ILE A 50 -14.20 -5.85 -15.28
CA ILE A 50 -13.19 -6.49 -14.44
C ILE A 50 -12.00 -6.86 -15.30
N ARG A 51 -10.80 -6.53 -14.85
CA ARG A 51 -9.57 -6.94 -15.52
C ARG A 51 -8.72 -7.74 -14.54
N ILE A 52 -8.22 -8.89 -15.00
CA ILE A 52 -7.35 -9.75 -14.22
C ILE A 52 -6.00 -9.85 -14.92
N GLU A 53 -4.92 -9.63 -14.19
CA GLU A 53 -3.58 -9.86 -14.72
C GLU A 53 -2.91 -10.98 -13.94
N ARG A 54 -2.38 -11.96 -14.67
CA ARG A 54 -1.51 -12.98 -14.07
C ARG A 54 -0.13 -12.40 -13.85
N VAL A 55 0.39 -12.54 -12.63
CA VAL A 55 1.76 -12.17 -12.34
C VAL A 55 2.47 -13.37 -11.74
N ILE A 56 3.75 -13.53 -12.08
CA ILE A 56 4.56 -14.68 -11.69
C ILE A 56 5.51 -14.26 -10.59
N TYR A 57 5.54 -15.02 -9.50
CA TYR A 57 6.46 -14.77 -8.41
C TYR A 57 7.84 -15.33 -8.76
N THR A 58 8.87 -14.48 -8.75
CA THR A 58 10.23 -14.91 -9.06
C THR A 58 11.17 -14.90 -7.86
N GLY A 59 10.79 -14.26 -6.76
CA GLY A 59 11.67 -14.15 -5.61
C GLY A 59 12.93 -13.34 -5.81
N LYS A 60 13.07 -12.66 -6.96
CA LYS A 60 14.27 -11.90 -7.29
C LYS A 60 13.87 -10.44 -7.39
N GLU A 61 14.39 -9.61 -6.49
CA GLU A 61 13.85 -8.28 -6.23
C GLU A 61 14.44 -7.23 -7.19
N GLY A 62 13.55 -6.47 -7.82
CA GLY A 62 14.01 -5.35 -8.62
C GLY A 62 14.36 -4.17 -7.75
N LYS A 63 15.54 -3.59 -7.98
CA LYS A 63 15.94 -2.37 -7.30
C LYS A 63 17.04 -1.70 -8.10
N SER A 64 17.26 -0.43 -7.79
CA SER A 64 18.30 0.33 -8.46
C SER A 64 19.67 -0.04 -7.89
N SER A 65 20.71 0.52 -8.53
CA SER A 65 22.08 0.31 -8.08
C SER A 65 22.27 0.74 -6.64
N GLN A 66 21.49 1.69 -6.15
CA GLN A 66 21.58 2.14 -4.77
C GLN A 66 20.65 1.37 -3.85
N GLY A 67 19.89 0.42 -4.38
CA GLY A 67 18.99 -0.38 -3.59
C GLY A 67 17.64 0.26 -3.33
N CYS A 68 17.15 1.06 -4.28
CA CYS A 68 15.94 1.84 -4.12
C CYS A 68 14.92 1.39 -5.14
N PRO A 69 13.63 1.69 -4.93
CA PRO A 69 12.57 1.09 -5.72
C PRO A 69 12.62 1.49 -7.20
N ILE A 70 12.36 0.51 -8.06
CA ILE A 70 12.22 0.71 -9.50
C ILE A 70 11.05 -0.15 -9.96
N ALA A 71 10.47 0.24 -11.08
CA ALA A 71 9.49 -0.60 -11.76
C ALA A 71 10.05 -1.12 -13.07
N LYS A 72 9.52 -2.25 -13.52
CA LYS A 72 9.87 -2.80 -14.82
C LYS A 72 8.69 -2.88 -15.77
N TRP A 73 7.50 -3.15 -15.26
CA TRP A 73 6.26 -3.17 -16.01
C TRP A 73 5.25 -2.34 -15.24
N VAL A 74 4.47 -1.53 -15.95
CA VAL A 74 3.46 -0.71 -15.32
C VAL A 74 2.09 -1.15 -15.83
N VAL A 75 1.26 -1.65 -14.92
CA VAL A 75 -0.13 -1.96 -15.23
C VAL A 75 -0.93 -0.67 -15.07
N ARG A 76 -1.46 -0.16 -16.18
CA ARG A 76 -2.21 1.09 -16.16
C ARG A 76 -3.66 0.83 -16.54
N ARG A 77 -4.57 1.65 -16.00
CA ARG A 77 -5.99 1.51 -16.34
C ARG A 77 -6.17 1.58 -17.84
N SER A 78 -6.77 0.54 -18.42
CA SER A 78 -6.79 0.39 -19.86
C SER A 78 -7.78 1.36 -20.52
N SER A 79 -8.88 1.67 -19.83
CA SER A 79 -9.96 2.48 -20.40
C SER A 79 -10.93 2.78 -19.27
N SER A 80 -11.77 3.80 -19.48
CA SER A 80 -12.75 4.15 -18.46
C SER A 80 -13.77 3.05 -18.24
N GLU A 81 -13.89 2.09 -19.16
CA GLU A 81 -14.76 0.94 -18.96
C GLU A 81 -14.21 -0.05 -17.94
N GLU A 82 -12.90 -0.05 -17.70
CA GLU A 82 -12.30 -0.98 -16.74
C GLU A 82 -12.51 -0.42 -15.33
N LYS A 83 -13.28 -1.13 -14.50
CA LYS A 83 -13.57 -0.62 -13.16
C LYS A 83 -12.75 -1.31 -12.07
N LEU A 84 -12.35 -2.54 -12.26
CA LEU A 84 -11.70 -3.29 -11.19
C LEU A 84 -10.54 -4.09 -11.76
N LEU A 85 -9.36 -3.87 -11.21
CA LEU A 85 -8.18 -4.61 -11.61
C LEU A 85 -7.84 -5.63 -10.54
N CYS A 86 -7.55 -6.84 -10.97
CA CYS A 86 -7.18 -7.93 -10.07
C CYS A 86 -5.86 -8.55 -10.51
N LEU A 87 -4.86 -8.51 -9.62
CA LEU A 87 -3.61 -9.25 -9.85
C LEU A 87 -3.72 -10.61 -9.20
N VAL A 88 -3.41 -11.67 -9.95
CA VAL A 88 -3.44 -13.01 -9.43
C VAL A 88 -2.11 -13.71 -9.66
N ARG A 89 -1.85 -14.69 -8.80
CA ARG A 89 -0.69 -15.56 -8.90
C ARG A 89 -1.21 -16.98 -9.04
N GLU A 90 -0.87 -17.64 -10.13
CA GLU A 90 -1.08 -19.07 -10.22
C GLU A 90 0.11 -19.75 -9.54
N ARG A 91 -0.16 -20.43 -8.42
CA ARG A 91 0.92 -20.99 -7.63
C ARG A 91 1.54 -22.17 -8.38
N ALA A 92 2.86 -22.09 -8.58
CA ALA A 92 3.58 -23.05 -9.42
C ALA A 92 3.38 -24.48 -8.93
N GLY A 93 2.83 -25.32 -9.80
CA GLY A 93 2.69 -26.74 -9.52
C GLY A 93 1.34 -27.16 -8.99
N HIS A 94 0.54 -26.22 -8.47
CA HIS A 94 -0.70 -26.54 -7.78
C HIS A 94 -1.87 -26.68 -8.74
N THR A 95 -2.61 -27.78 -8.59
CA THR A 95 -3.86 -28.04 -9.30
C THR A 95 -5.04 -28.16 -8.34
N CYS A 96 -4.88 -27.73 -7.10
CA CYS A 96 -5.91 -27.86 -6.08
C CYS A 96 -6.91 -26.70 -6.17
N GLU A 97 -7.82 -26.60 -5.17
CA GLU A 97 -8.89 -25.62 -5.21
C GLU A 97 -8.44 -24.19 -4.87
N ALA A 98 -7.20 -24.01 -4.44
CA ALA A 98 -6.65 -22.68 -4.18
C ALA A 98 -5.39 -22.47 -5.02
N ALA A 99 -5.42 -22.99 -6.25
CA ALA A 99 -4.23 -22.93 -7.09
C ALA A 99 -3.90 -21.50 -7.50
N VAL A 100 -4.92 -20.65 -7.65
CA VAL A 100 -4.78 -19.27 -8.06
C VAL A 100 -5.28 -18.40 -6.93
N ILE A 101 -4.44 -17.50 -6.43
CA ILE A 101 -4.85 -16.62 -5.35
C ILE A 101 -4.78 -15.18 -5.83
N VAL A 102 -5.55 -14.35 -5.17
CA VAL A 102 -5.60 -12.92 -5.43
C VAL A 102 -4.57 -12.24 -4.54
N ILE A 103 -3.73 -11.41 -5.15
CA ILE A 103 -2.74 -10.67 -4.37
C ILE A 103 -2.97 -9.17 -4.39
N LEU A 104 -3.80 -8.64 -5.29
CA LEU A 104 -4.05 -7.21 -5.24
C LEU A 104 -5.35 -6.93 -5.96
N ILE A 105 -6.15 -6.03 -5.37
CA ILE A 105 -7.38 -5.53 -5.96
C ILE A 105 -7.29 -4.03 -6.02
N LEU A 106 -7.63 -3.45 -7.15
CA LEU A 106 -7.59 -2.01 -7.36
C LEU A 106 -8.93 -1.56 -7.94
N VAL A 107 -9.69 -0.80 -7.14
CA VAL A 107 -10.94 -0.18 -7.60
C VAL A 107 -10.60 1.19 -8.16
N TRP A 108 -10.75 1.36 -9.46
CA TRP A 108 -10.34 2.62 -10.07
C TRP A 108 -11.15 3.78 -9.50
N GLU A 109 -12.46 3.62 -9.44
CA GLU A 109 -13.35 4.68 -8.97
C GLU A 109 -13.78 4.36 -7.53
N GLY A 110 -12.84 4.55 -6.61
CA GLY A 110 -13.03 4.12 -5.25
C GLY A 110 -13.85 5.09 -4.41
N ILE A 111 -13.51 6.37 -4.45
CA ILE A 111 -14.27 7.37 -3.72
C ILE A 111 -14.73 8.47 -4.69
N PRO A 112 -15.69 9.30 -4.31
CA PRO A 112 -16.13 10.38 -5.21
C PRO A 112 -15.01 11.35 -5.49
N LEU A 113 -14.92 11.75 -6.76
CA LEU A 113 -13.83 12.62 -7.18
C LEU A 113 -13.87 13.96 -6.44
N SER A 114 -15.05 14.43 -6.04
CA SER A 114 -15.12 15.71 -5.33
C SER A 114 -14.51 15.58 -3.94
N LEU A 115 -14.73 14.44 -3.28
CA LEU A 115 -14.09 14.21 -1.99
C LEU A 115 -12.58 14.06 -2.15
N ALA A 116 -12.14 13.36 -3.20
CA ALA A 116 -10.69 13.19 -3.40
C ALA A 116 -10.01 14.54 -3.61
N ASP A 117 -10.60 15.37 -4.48
CA ASP A 117 -10.11 16.73 -4.67
C ASP A 117 -10.00 17.48 -3.35
N LYS A 118 -11.05 17.41 -2.51
CA LYS A 118 -11.04 18.17 -1.27
C LYS A 118 -10.05 17.59 -0.25
N LEU A 119 -9.98 16.27 -0.16
CA LEU A 119 -8.99 15.67 0.75
C LEU A 119 -7.57 16.03 0.33
N TYR A 120 -7.26 15.97 -0.97
CA TYR A 120 -5.93 16.38 -1.43
C TYR A 120 -5.56 17.75 -0.86
N SER A 121 -6.47 18.72 -1.00
CA SER A 121 -6.24 20.09 -0.54
C SER A 121 -6.13 20.16 0.98
N GLU A 122 -7.13 19.60 1.68
CA GLU A 122 -7.18 19.73 3.13
C GLU A 122 -5.99 19.04 3.79
N LEU A 123 -5.71 17.81 3.40
CA LEU A 123 -4.62 17.05 4.03
C LEU A 123 -3.26 17.70 3.78
N THR A 124 -3.00 18.14 2.54
CA THR A 124 -1.75 18.83 2.24
C THR A 124 -1.56 20.06 3.14
N GLU A 125 -2.58 20.92 3.19
CA GLU A 125 -2.46 22.15 3.96
C GLU A 125 -2.37 21.87 5.45
N THR A 126 -3.16 20.94 5.96
CA THR A 126 -3.10 20.66 7.38
C THR A 126 -1.76 20.04 7.75
N LEU A 127 -1.31 19.05 6.97
CA LEU A 127 -0.14 18.28 7.37
C LEU A 127 1.14 19.07 7.17
N ARG A 128 1.28 19.78 6.06
CA ARG A 128 2.49 20.56 5.88
C ARG A 128 2.63 21.62 6.95
N LYS A 129 1.51 22.19 7.41
CA LYS A 129 1.55 23.24 8.41
C LYS A 129 1.60 22.71 9.84
N TYR A 130 1.00 21.56 10.13
CA TYR A 130 0.91 21.09 11.50
C TYR A 130 1.37 19.65 11.72
N GLY A 131 1.78 18.94 10.67
CA GLY A 131 2.03 17.52 10.80
C GLY A 131 3.33 17.20 11.53
N THR A 132 3.27 16.15 12.35
CA THR A 132 4.43 15.55 12.99
C THR A 132 4.89 14.39 12.13
N LEU A 133 6.13 14.45 11.65
CA LEU A 133 6.67 13.39 10.81
C LEU A 133 6.82 12.11 11.62
N THR A 134 6.54 10.99 10.97
CA THR A 134 6.71 9.67 11.56
C THR A 134 7.91 9.02 10.87
N ASN A 135 8.94 8.68 11.63
CA ASN A 135 10.11 8.03 11.04
C ASN A 135 9.89 6.54 10.89
N ARG A 136 10.14 6.04 9.69
CA ARG A 136 9.95 4.64 9.37
C ARG A 136 11.23 4.14 8.70
N ARG A 137 11.54 2.85 8.93
CA ARG A 137 12.74 2.29 8.31
C ARG A 137 12.62 2.29 6.80
N CYS A 138 11.42 2.09 6.26
CA CYS A 138 11.32 2.01 4.81
C CYS A 138 11.49 3.36 4.14
N ALA A 139 11.69 4.44 4.89
CA ALA A 139 12.01 5.73 4.27
C ALA A 139 13.39 5.75 3.63
N LEU A 140 14.26 4.80 3.96
CA LEU A 140 15.63 4.80 3.52
C LEU A 140 15.97 3.46 2.88
N ASN A 141 16.95 3.46 1.98
CA ASN A 141 17.47 2.20 1.47
C ASN A 141 18.20 1.44 2.59
N GLU A 142 18.67 0.24 2.26
CA GLU A 142 19.29 -0.62 3.26
C GLU A 142 20.59 0.00 3.83
N GLU A 143 21.39 0.64 2.97
CA GLU A 143 22.60 1.29 3.47
C GLU A 143 22.30 2.61 4.19
N ARG A 144 21.08 3.12 4.07
CA ARG A 144 20.61 4.29 4.82
C ARG A 144 21.35 5.57 4.41
N THR A 145 21.81 5.62 3.17
CA THR A 145 22.55 6.76 2.63
C THR A 145 21.82 7.51 1.53
N CYS A 146 20.70 6.99 1.04
CA CYS A 146 19.98 7.53 -0.09
C CYS A 146 19.19 8.79 0.29
N ALA A 147 18.68 9.47 -0.73
CA ALA A 147 17.99 10.74 -0.54
C ALA A 147 16.65 10.76 -1.28
N CYS A 148 16.00 9.62 -1.35
CA CYS A 148 14.81 9.44 -2.17
C CYS A 148 13.65 10.32 -1.72
N GLN A 149 13.62 10.79 -0.47
CA GLN A 149 12.59 11.73 -0.03
C GLN A 149 12.88 13.16 -0.39
N GLY A 150 14.10 13.46 -0.87
CA GLY A 150 14.57 14.82 -0.97
C GLY A 150 15.35 15.23 0.28
N LEU A 151 16.09 16.33 0.14
CA LEU A 151 17.00 16.77 1.18
C LEU A 151 16.57 18.05 1.88
N ASP A 152 15.70 18.82 1.28
CA ASP A 152 15.13 19.99 1.92
C ASP A 152 14.17 19.54 3.02
N PRO A 153 14.47 19.76 4.29
CA PRO A 153 13.57 19.25 5.35
C PRO A 153 12.19 19.89 5.32
N GLU A 154 12.06 21.09 4.77
CA GLU A 154 10.75 21.72 4.67
C GLU A 154 9.86 21.05 3.63
N THR A 155 10.44 20.41 2.60
CA THR A 155 9.68 19.89 1.49
C THR A 155 9.77 18.39 1.28
N CYS A 156 10.75 17.72 1.87
CA CYS A 156 10.97 16.31 1.56
C CYS A 156 9.71 15.49 1.77
N GLY A 157 9.58 14.42 0.98
CA GLY A 157 8.50 13.48 1.18
C GLY A 157 8.47 12.96 2.60
N ALA A 158 7.27 12.65 3.10
CA ALA A 158 7.15 12.29 4.51
C ALA A 158 5.91 11.43 4.75
N SER A 159 5.92 10.75 5.90
CA SER A 159 4.86 9.86 6.31
C SER A 159 4.35 10.28 7.68
N PHE A 160 3.03 10.40 7.82
CA PHE A 160 2.39 10.80 9.06
C PHE A 160 1.43 9.70 9.48
N SER A 161 1.60 9.16 10.68
CA SER A 161 0.77 8.04 11.10
C SER A 161 -0.21 8.47 12.18
N PHE A 162 -1.47 8.02 12.06
CA PHE A 162 -2.49 8.39 13.01
C PHE A 162 -3.23 7.14 13.48
N GLY A 163 -4.16 7.33 14.42
CA GLY A 163 -4.91 6.21 14.94
C GLY A 163 -4.13 5.46 16.00
N CYS A 164 -4.44 4.18 16.12
CA CYS A 164 -3.70 3.34 17.04
C CYS A 164 -2.61 2.55 16.34
N SER A 165 -1.55 2.27 17.09
CA SER A 165 -0.41 1.48 16.63
C SER A 165 -0.05 0.47 17.71
N TRP A 166 0.50 -0.66 17.27
CA TRP A 166 1.01 -1.67 18.18
C TRP A 166 2.38 -1.26 18.71
N SER A 167 2.67 -1.69 19.95
CA SER A 167 3.90 -1.35 20.65
C SER A 167 4.49 -2.59 21.31
N MET A 168 5.77 -2.86 21.03
CA MET A 168 6.45 -3.97 21.68
C MET A 168 6.53 -3.78 23.20
N TYR A 169 6.57 -2.53 23.67
CA TYR A 169 6.68 -2.28 25.10
C TYR A 169 5.44 -2.74 25.85
N TYR A 170 4.27 -2.68 25.21
CA TYR A 170 3.05 -3.17 25.82
C TYR A 170 2.54 -4.45 25.17
N ASN A 171 3.16 -4.89 24.07
CA ASN A 171 2.60 -5.92 23.22
C ASN A 171 1.11 -5.64 22.99
N GLY A 172 0.83 -4.39 22.68
CA GLY A 172 -0.54 -3.97 22.43
C GLY A 172 -0.53 -2.52 22.02
N CYS A 173 -1.70 -1.88 22.14
CA CYS A 173 -1.83 -0.50 21.69
C CYS A 173 -0.86 0.41 22.43
N LYS A 174 -0.17 1.26 21.67
CA LYS A 174 0.73 2.24 22.26
C LYS A 174 0.01 3.20 23.23
N PHE A 175 -1.31 3.32 23.14
CA PHE A 175 -2.03 4.22 24.02
C PHE A 175 -2.39 3.58 25.37
N ALA A 176 -1.74 2.47 25.73
CA ALA A 176 -2.07 1.75 26.96
C ALA A 176 -2.03 2.64 28.19
N ARG A 177 -1.15 3.65 28.19
CA ARG A 177 -0.97 4.49 29.36
C ARG A 177 -1.61 5.87 29.21
N SER A 178 -2.30 6.14 28.11
CA SER A 178 -2.75 7.48 27.79
C SER A 178 -4.19 7.67 28.26
N LYS A 179 -4.38 8.54 29.25
CA LYS A 179 -5.72 9.06 29.52
C LYS A 179 -6.10 10.00 28.39
N ILE A 180 -7.17 9.67 27.68
CA ILE A 180 -7.60 10.45 26.53
C ILE A 180 -6.43 10.53 25.54
N PRO A 181 -6.25 9.51 24.71
CA PRO A 181 -5.20 9.57 23.68
C PRO A 181 -5.56 10.55 22.58
N ARG A 182 -4.54 11.02 21.88
CA ARG A 182 -4.73 11.92 20.75
C ARG A 182 -4.42 11.12 19.48
N LYS A 183 -5.48 10.61 18.84
CA LYS A 183 -5.28 9.74 17.68
C LYS A 183 -4.79 10.49 16.46
N PHE A 184 -4.92 11.81 16.46
CA PHE A 184 -4.53 12.64 15.32
C PHE A 184 -3.72 13.82 15.81
N LYS A 185 -2.70 13.53 16.61
CA LYS A 185 -1.88 14.58 17.18
C LYS A 185 -1.19 15.39 16.10
N LEU A 186 -1.27 16.71 16.21
CA LEU A 186 -0.52 17.64 15.38
C LEU A 186 0.33 18.51 16.28
N LEU A 187 1.34 19.15 15.67
CA LEU A 187 2.26 20.01 16.40
C LEU A 187 1.52 21.05 17.20
N GLY A 188 2.00 21.29 18.43
CA GLY A 188 1.34 22.20 19.35
C GLY A 188 0.19 21.51 20.07
N ASP A 189 -0.82 22.31 20.42
CA ASP A 189 -2.08 21.81 20.96
C ASP A 189 -3.20 22.67 20.38
N ASP A 190 -3.51 22.42 19.11
CA ASP A 190 -4.62 23.06 18.41
C ASP A 190 -5.71 22.02 18.24
N PRO A 191 -6.65 21.92 19.18
CA PRO A 191 -7.66 20.86 19.10
C PRO A 191 -8.59 21.03 17.91
N LYS A 192 -8.88 22.28 17.51
CA LYS A 192 -9.78 22.46 16.39
C LYS A 192 -9.17 21.91 15.10
N GLU A 193 -7.85 22.08 14.92
CA GLU A 193 -7.23 21.54 13.72
C GLU A 193 -7.20 20.02 13.77
N GLU A 194 -6.94 19.45 14.95
CA GLU A 194 -6.91 18.00 15.06
C GLU A 194 -8.29 17.41 14.83
N GLU A 195 -9.34 18.13 15.24
CA GLU A 195 -10.69 17.64 15.03
C GLU A 195 -11.07 17.64 13.56
N LYS A 196 -10.70 18.69 12.82
CA LYS A 196 -10.91 18.67 11.38
C LYS A 196 -10.19 17.49 10.76
N LEU A 197 -8.90 17.37 11.04
CA LEU A 197 -8.14 16.24 10.53
C LEU A 197 -8.83 14.94 10.88
N GLU A 198 -9.14 14.75 12.17
CA GLU A 198 -9.86 13.54 12.59
C GLU A 198 -11.14 13.34 11.79
N SER A 199 -11.92 14.41 11.60
CA SER A 199 -13.21 14.22 10.93
C SER A 199 -13.01 13.75 9.49
N HIS A 200 -11.99 14.25 8.81
CA HIS A 200 -11.74 13.82 7.43
C HIS A 200 -11.39 12.35 7.39
N LEU A 201 -10.51 11.90 8.27
CA LEU A 201 -10.04 10.51 8.18
C LEU A 201 -11.05 9.54 8.78
N GLN A 202 -11.78 9.97 9.82
CA GLN A 202 -12.91 9.16 10.30
C GLN A 202 -13.96 9.00 9.22
N ASN A 203 -14.32 10.09 8.54
CA ASN A 203 -15.28 9.98 7.46
C ASN A 203 -14.77 9.05 6.37
N LEU A 204 -13.50 9.20 5.98
CA LEU A 204 -12.98 8.36 4.91
C LEU A 204 -12.90 6.90 5.36
N SER A 205 -12.50 6.67 6.60
CA SER A 205 -12.52 5.33 7.15
C SER A 205 -13.93 4.73 7.09
N THR A 206 -14.95 5.56 7.33
CA THR A 206 -16.34 5.08 7.28
C THR A 206 -16.76 4.76 5.84
N LEU A 207 -16.33 5.58 4.88
CA LEU A 207 -16.69 5.34 3.48
C LEU A 207 -16.08 4.05 2.95
N MET A 208 -14.85 3.75 3.35
CA MET A 208 -14.12 2.65 2.73
C MET A 208 -14.45 1.29 3.36
N ALA A 209 -14.87 1.26 4.61
CA ALA A 209 -15.26 -0.02 5.22
C ALA A 209 -16.19 -0.84 4.34
N PRO A 210 -17.31 -0.31 3.82
CA PRO A 210 -18.20 -1.16 2.99
C PRO A 210 -17.57 -1.61 1.68
N THR A 211 -16.72 -0.77 1.07
CA THR A 211 -15.99 -1.18 -0.13
C THR A 211 -15.06 -2.35 0.18
N TYR A 212 -14.42 -2.33 1.35
CA TYR A 212 -13.59 -3.45 1.78
C TYR A 212 -14.43 -4.71 1.96
N LYS A 213 -15.51 -4.61 2.74
CA LYS A 213 -16.38 -5.77 2.93
C LYS A 213 -16.83 -6.35 1.60
N LYS A 214 -17.15 -5.49 0.63
CA LYS A 214 -17.69 -5.97 -0.64
C LYS A 214 -16.66 -6.73 -1.46
N LEU A 215 -15.44 -6.20 -1.56
CA LEU A 215 -14.45 -6.75 -2.48
C LEU A 215 -13.48 -7.73 -1.85
N ALA A 216 -13.30 -7.70 -0.53
CA ALA A 216 -12.42 -8.65 0.15
C ALA A 216 -13.10 -9.09 1.44
N PRO A 217 -14.25 -9.77 1.32
CA PRO A 217 -15.05 -10.12 2.51
C PRO A 217 -14.31 -10.92 3.57
N ASP A 218 -13.46 -11.87 3.17
CA ASP A 218 -12.80 -12.71 4.18
C ASP A 218 -11.83 -11.88 5.00
N ALA A 219 -10.99 -11.09 4.32
CA ALA A 219 -10.07 -10.19 5.03
C ALA A 219 -10.83 -9.20 5.89
N TYR A 220 -11.84 -8.55 5.32
CA TYR A 220 -12.67 -7.64 6.09
C TYR A 220 -13.18 -8.33 7.34
N ASN A 221 -13.71 -9.54 7.18
CA ASN A 221 -14.35 -10.20 8.33
C ASN A 221 -13.35 -10.50 9.42
N ASN A 222 -12.14 -10.91 9.05
CA ASN A 222 -11.11 -11.11 10.06
C ASN A 222 -10.82 -9.85 10.83
N GLN A 223 -10.94 -8.68 10.19
CA GLN A 223 -10.54 -7.44 10.86
C GLN A 223 -11.63 -6.89 11.77
N ILE A 224 -12.89 -7.32 11.61
CA ILE A 224 -13.94 -6.83 12.51
C ILE A 224 -14.26 -7.80 13.64
N GLU A 225 -13.53 -8.92 13.74
CA GLU A 225 -13.90 -9.96 14.71
C GLU A 225 -14.03 -9.41 16.13
N TYR A 226 -13.07 -8.57 16.56
CA TYR A 226 -13.09 -8.03 17.91
C TYR A 226 -13.52 -6.56 17.95
N GLU A 227 -14.33 -6.14 16.97
CA GLU A 227 -14.79 -4.74 16.92
C GLU A 227 -15.44 -4.31 18.24
N HIS A 228 -16.36 -5.12 18.78
CA HIS A 228 -17.00 -4.68 20.03
C HIS A 228 -16.18 -4.96 21.27
N ARG A 229 -15.00 -5.57 21.13
CA ARG A 229 -14.13 -5.76 22.28
C ARG A 229 -13.16 -4.59 22.46
N ALA A 230 -12.62 -4.06 21.37
CA ALA A 230 -11.61 -3.01 21.43
C ALA A 230 -11.99 -1.81 20.58
N PRO A 231 -13.18 -1.23 20.82
CA PRO A 231 -13.64 -0.15 19.93
C PRO A 231 -12.76 1.11 20.00
N GLU A 232 -12.14 1.38 21.15
CA GLU A 232 -11.20 2.50 21.24
C GLU A 232 -9.98 2.32 20.32
N CYS A 233 -9.71 1.12 19.84
CA CYS A 233 -8.61 0.89 18.90
C CYS A 233 -9.09 0.71 17.47
N ARG A 234 -10.29 1.20 17.14
CA ARG A 234 -10.82 1.14 15.78
C ARG A 234 -11.21 2.55 15.34
N LEU A 235 -11.06 2.80 14.04
CA LEU A 235 -11.55 4.00 13.38
C LEU A 235 -12.96 3.76 12.82
N GLY A 236 -13.56 4.82 12.33
CA GLY A 236 -14.84 4.73 11.66
C GLY A 236 -15.99 5.09 12.57
N LEU A 237 -17.10 5.52 11.96
CA LEU A 237 -18.22 6.10 12.68
C LEU A 237 -19.48 5.25 12.64
N LYS A 238 -19.42 4.07 12.03
CA LYS A 238 -20.58 3.23 11.80
C LYS A 238 -20.17 1.78 12.05
N GLU A 239 -21.14 0.95 12.44
CA GLU A 239 -20.90 -0.47 12.66
C GLU A 239 -20.11 -1.08 11.50
N GLY A 240 -19.11 -1.88 11.83
CA GLY A 240 -18.27 -2.45 10.81
C GLY A 240 -17.02 -1.61 10.66
N ARG A 241 -16.06 -1.82 11.56
CA ARG A 241 -14.88 -0.96 11.71
C ARG A 241 -13.63 -1.80 11.62
N PRO A 242 -13.16 -2.10 10.41
CA PRO A 242 -11.97 -2.95 10.27
C PRO A 242 -10.65 -2.24 10.53
N PHE A 243 -10.60 -0.91 10.50
CA PHE A 243 -9.34 -0.16 10.53
C PHE A 243 -9.00 0.29 11.94
N SER A 244 -7.72 0.35 12.20
CA SER A 244 -7.14 0.76 13.48
C SER A 244 -6.19 1.93 13.35
N GLY A 245 -5.39 1.95 12.30
CA GLY A 245 -4.43 3.01 12.10
C GLY A 245 -4.54 3.49 10.67
N VAL A 246 -4.17 4.74 10.47
CA VAL A 246 -4.10 5.32 9.14
C VAL A 246 -2.79 6.10 9.02
N THR A 247 -2.10 5.89 7.91
CA THR A 247 -0.87 6.61 7.58
C THR A 247 -1.10 7.39 6.29
N ALA A 248 -0.65 8.64 6.28
CA ALA A 248 -0.69 9.51 5.11
C ALA A 248 0.72 9.66 4.59
N CYS A 249 0.92 9.33 3.31
CA CYS A 249 2.23 9.39 2.68
C CYS A 249 2.17 10.47 1.61
N LEU A 250 3.02 11.50 1.78
CA LEU A 250 3.07 12.68 0.92
C LEU A 250 4.38 12.67 0.14
N ASP A 251 4.32 12.23 -1.12
CA ASP A 251 5.51 12.16 -1.97
C ASP A 251 6.58 11.30 -1.33
N PHE A 252 6.14 10.25 -0.63
CA PHE A 252 6.97 9.43 0.23
C PHE A 252 7.44 8.19 -0.53
N CYS A 253 8.74 7.97 -0.59
CA CYS A 253 9.27 6.79 -1.25
C CYS A 253 9.40 5.68 -0.20
N ALA A 254 8.50 4.70 -0.27
CA ALA A 254 8.53 3.55 0.66
C ALA A 254 9.40 2.48 0.03
N HIS A 255 10.61 2.35 0.55
CA HIS A 255 11.50 1.32 0.05
C HIS A 255 10.91 -0.06 0.34
N ALA A 256 11.36 -1.03 -0.46
CA ALA A 256 10.86 -2.40 -0.39
C ALA A 256 10.77 -2.85 1.07
N HIS A 257 9.58 -3.29 1.46
CA HIS A 257 9.31 -3.68 2.84
C HIS A 257 8.03 -4.50 2.87
N ARG A 258 7.78 -5.08 4.05
CA ARG A 258 6.50 -5.65 4.42
C ARG A 258 6.00 -4.97 5.70
N ASP A 259 4.67 -4.86 5.84
CA ASP A 259 4.06 -4.24 7.02
C ASP A 259 3.98 -5.30 8.13
N LEU A 260 5.12 -5.48 8.83
CA LEU A 260 5.28 -6.64 9.71
C LEU A 260 4.45 -6.52 11.01
N HIS A 261 4.12 -5.31 11.48
CA HIS A 261 3.22 -5.19 12.63
C HIS A 261 1.77 -5.48 12.29
N ASN A 262 1.40 -5.47 11.01
CA ASN A 262 0.00 -5.68 10.64
C ASN A 262 -0.52 -7.03 11.12
N MET A 263 -1.81 -7.06 11.47
CA MET A 263 -2.42 -8.29 11.94
C MET A 263 -2.45 -9.34 10.84
N GLN A 264 -2.20 -10.58 11.25
CA GLN A 264 -2.23 -11.72 10.34
C GLN A 264 -3.60 -11.87 9.70
N ASN A 265 -3.60 -12.26 8.43
CA ASN A 265 -4.83 -12.53 7.68
C ASN A 265 -5.69 -11.28 7.50
N GLY A 266 -5.05 -10.12 7.48
CA GLY A 266 -5.70 -8.89 7.13
C GLY A 266 -5.21 -8.38 5.80
N SER A 267 -5.46 -7.09 5.57
CA SER A 267 -4.93 -6.43 4.39
C SER A 267 -4.89 -4.94 4.66
N THR A 268 -4.31 -4.20 3.74
CA THR A 268 -4.31 -2.75 3.84
C THR A 268 -5.04 -2.18 2.65
N LEU A 269 -5.78 -1.11 2.89
CA LEU A 269 -6.43 -0.35 1.83
C LEU A 269 -5.70 0.97 1.65
N VAL A 270 -5.33 1.26 0.41
CA VAL A 270 -4.60 2.47 0.08
C VAL A 270 -5.53 3.33 -0.78
N CYS A 271 -5.91 4.49 -0.28
CA CYS A 271 -6.63 5.45 -1.09
C CYS A 271 -5.62 6.43 -1.67
N THR A 272 -5.56 6.53 -3.00
CA THR A 272 -4.64 7.45 -3.68
C THR A 272 -5.32 8.76 -4.07
N LEU A 273 -4.65 9.87 -3.73
CA LEU A 273 -4.92 11.21 -4.24
C LEU A 273 -3.73 11.69 -5.04
N THR A 274 -3.97 12.47 -6.10
CA THR A 274 -2.90 12.95 -6.96
C THR A 274 -3.00 14.45 -7.18
N ARG A 275 -1.84 15.05 -7.48
CA ARG A 275 -1.72 16.46 -7.82
C ARG A 275 -2.63 16.80 -9.00
N GLU A 276 -2.94 18.08 -9.19
CA GLU A 276 -4.03 18.46 -10.09
C GLU A 276 -3.71 18.19 -11.56
N ASP A 277 -2.44 18.14 -11.94
CA ASP A 277 -2.05 17.92 -13.33
C ASP A 277 -2.19 16.46 -13.75
N ASN A 278 -2.65 15.60 -12.86
CA ASN A 278 -2.77 14.18 -13.14
C ASN A 278 -4.14 13.70 -12.66
N ARG A 279 -5.21 14.28 -13.21
CA ARG A 279 -6.55 13.82 -12.86
C ARG A 279 -7.45 13.51 -14.06
N GLU A 280 -6.94 13.58 -15.27
CA GLU A 280 -7.71 13.22 -16.46
C GLU A 280 -7.24 11.86 -16.94
N PHE A 281 -8.18 11.03 -17.43
CA PHE A 281 -7.82 9.64 -17.71
C PHE A 281 -6.65 9.56 -18.68
N GLY A 282 -6.78 10.23 -19.83
CA GLY A 282 -5.67 10.30 -20.76
C GLY A 282 -4.86 11.57 -20.55
N GLY A 283 -3.85 11.49 -19.68
CA GLY A 283 -3.08 12.66 -19.31
C GLY A 283 -1.62 12.33 -19.20
N LYS A 284 -0.79 13.34 -19.49
CA LYS A 284 0.65 13.22 -19.35
C LYS A 284 1.08 14.03 -18.13
N PRO A 285 1.07 13.42 -16.94
CA PRO A 285 1.64 14.11 -15.79
C PRO A 285 3.14 14.30 -15.96
N GLU A 286 3.62 15.47 -15.52
CA GLU A 286 5.04 15.71 -15.48
C GLU A 286 5.78 14.67 -14.64
N ASP A 287 5.09 14.07 -13.66
CA ASP A 287 5.67 13.03 -12.81
C ASP A 287 4.53 12.19 -12.23
N GLU A 288 4.89 11.03 -11.67
CA GLU A 288 3.91 10.16 -11.03
C GLU A 288 4.62 9.16 -10.13
N GLN A 289 3.94 8.78 -9.06
CA GLN A 289 4.45 7.75 -8.17
C GLN A 289 3.71 6.44 -8.43
N LEU A 290 4.45 5.34 -8.44
CA LEU A 290 3.89 4.03 -8.71
C LEU A 290 3.96 3.15 -7.46
N HIS A 291 3.11 2.13 -7.44
CA HIS A 291 3.08 1.11 -6.40
C HIS A 291 3.64 -0.19 -7.00
N VAL A 292 4.70 -0.73 -6.40
CA VAL A 292 5.48 -1.80 -7.04
C VAL A 292 5.49 -3.05 -6.16
N LEU A 293 5.38 -4.22 -6.81
CA LEU A 293 5.67 -5.54 -6.25
C LEU A 293 7.01 -6.02 -6.79
N PRO A 294 8.12 -5.84 -6.07
CA PRO A 294 9.45 -6.08 -6.65
C PRO A 294 9.83 -7.55 -6.84
N LEU A 295 9.00 -8.51 -6.41
CA LEU A 295 9.31 -9.93 -6.54
C LEU A 295 8.51 -10.60 -7.65
N TYR A 296 7.90 -9.83 -8.55
CA TYR A 296 6.99 -10.37 -9.55
C TYR A 296 7.36 -9.86 -10.92
N LYS A 297 7.07 -10.67 -11.93
CA LYS A 297 7.09 -10.27 -13.32
C LYS A 297 5.72 -10.54 -13.92
N VAL A 298 5.51 -10.02 -15.10
CA VAL A 298 4.24 -10.15 -15.80
C VAL A 298 4.27 -11.41 -16.65
N SER A 299 3.11 -12.00 -16.87
CA SER A 299 2.98 -13.19 -17.70
C SER A 299 3.06 -12.83 -19.19
N ASP A 300 3.26 -13.86 -20.01
CA ASP A 300 3.20 -13.74 -21.46
C ASP A 300 1.78 -13.78 -22.01
N VAL A 301 0.78 -14.11 -21.19
CA VAL A 301 -0.59 -14.27 -21.64
C VAL A 301 -1.50 -13.39 -20.79
N ASP A 302 -2.64 -13.03 -21.36
CA ASP A 302 -3.63 -12.26 -20.60
C ASP A 302 -4.41 -13.19 -19.67
N GLU A 303 -5.47 -12.63 -19.08
CA GLU A 303 -6.33 -13.37 -18.16
C GLU A 303 -6.82 -14.67 -18.78
N PHE A 304 -7.17 -14.64 -20.07
CA PHE A 304 -7.74 -15.79 -20.76
C PHE A 304 -6.69 -16.66 -21.45
N GLY A 305 -5.40 -16.38 -21.24
CA GLY A 305 -4.35 -17.24 -21.75
C GLY A 305 -3.94 -17.00 -23.19
N SER A 306 -4.23 -15.83 -23.74
CA SER A 306 -3.89 -15.50 -25.12
C SER A 306 -2.62 -14.67 -25.14
N VAL A 307 -1.62 -15.12 -25.91
CA VAL A 307 -0.38 -14.37 -26.06
C VAL A 307 -0.65 -13.03 -26.76
N GLU A 308 -1.39 -13.08 -27.87
CA GLU A 308 -1.61 -11.86 -28.63
C GLU A 308 -2.36 -10.82 -27.80
N ALA A 309 -3.31 -11.27 -26.97
CA ALA A 309 -4.01 -10.32 -26.11
C ALA A 309 -3.02 -9.61 -25.19
N GLN A 310 -2.04 -10.34 -24.65
CA GLN A 310 -1.03 -9.70 -23.81
C GLN A 310 -0.14 -8.75 -24.60
N GLU A 311 0.24 -9.15 -25.82
CA GLU A 311 1.09 -8.28 -26.64
C GLU A 311 0.35 -7.02 -27.05
N GLU A 312 -0.96 -7.10 -27.26
CA GLU A 312 -1.72 -5.91 -27.58
C GLU A 312 -1.74 -4.93 -26.41
N LYS A 313 -1.84 -5.44 -25.19
CA LYS A 313 -1.82 -4.57 -24.02
C LYS A 313 -0.45 -3.89 -23.86
N LYS A 314 0.62 -4.59 -24.26
CA LYS A 314 1.96 -4.01 -24.16
C LYS A 314 2.12 -2.84 -25.12
N ARG A 315 1.67 -3.00 -26.36
CA ARG A 315 1.82 -1.93 -27.32
C ARG A 315 0.79 -0.82 -27.10
N SER A 316 -0.30 -1.11 -26.40
CA SER A 316 -1.32 -0.11 -26.14
C SER A 316 -1.02 0.73 -24.90
N GLY A 317 -0.05 0.32 -24.07
CA GLY A 317 0.25 1.02 -22.83
C GLY A 317 -0.51 0.51 -21.62
N ALA A 318 -1.52 -0.34 -21.82
CA ALA A 318 -2.23 -0.91 -20.67
C ALA A 318 -1.29 -1.76 -19.82
N ILE A 319 -0.24 -2.29 -20.43
CA ILE A 319 0.94 -2.78 -19.73
C ILE A 319 2.14 -2.08 -20.35
N GLN A 320 2.75 -1.17 -19.60
CA GLN A 320 3.86 -0.38 -20.11
C GLN A 320 5.17 -1.12 -19.78
N VAL A 321 5.85 -1.59 -20.82
CA VAL A 321 7.13 -2.26 -20.67
C VAL A 321 8.21 -1.18 -20.57
N LEU A 322 8.73 -0.97 -19.36
CA LEU A 322 9.75 0.04 -19.16
C LEU A 322 11.11 -0.46 -19.60
N SER A 323 12.07 0.46 -19.71
CA SER A 323 13.44 0.09 -20.05
C SER A 323 14.39 0.68 -19.01
N SER A 324 15.66 0.30 -19.12
CA SER A 324 16.64 0.69 -18.12
C SER A 324 16.93 2.18 -18.17
N PHE A 325 17.30 2.73 -17.02
CA PHE A 325 17.66 4.13 -16.89
C PHE A 325 19.03 4.26 -16.23
N ARG A 326 19.64 5.41 -16.44
CA ARG A 326 20.88 5.79 -15.77
C ARG A 326 20.73 7.26 -15.37
N ARG A 327 20.52 7.50 -14.08
CA ARG A 327 20.30 8.86 -13.59
C ARG A 327 21.33 9.23 -12.52
N LYS A 328 21.34 10.50 -12.16
CA LYS A 328 22.18 11.01 -11.08
C LYS A 328 21.30 11.27 -9.87
N VAL A 329 21.73 10.78 -8.71
CA VAL A 329 21.03 10.97 -7.46
C VAL A 329 22.02 11.48 -6.41
N ARG A 330 21.50 11.73 -5.22
CA ARG A 330 22.31 12.15 -4.09
C ARG A 330 22.53 10.99 -3.13
N MET A 331 23.70 10.99 -2.48
CA MET A 331 24.01 10.04 -1.43
C MET A 331 24.49 10.82 -0.23
N LEU A 332 23.90 10.53 0.92
CA LEU A 332 24.35 11.16 2.16
C LEU A 332 25.78 10.74 2.49
N ALA A 333 26.55 11.69 3.02
CA ALA A 333 27.92 11.42 3.44
C ALA A 333 27.95 10.54 4.68
N GLU A 334 26.95 10.67 5.56
CA GLU A 334 26.79 9.81 6.72
C GLU A 334 25.42 9.15 6.67
N PRO A 335 25.34 7.85 6.93
CA PRO A 335 24.02 7.22 7.06
C PRO A 335 23.23 7.87 8.19
N VAL A 336 21.92 7.78 8.07
CA VAL A 336 21.01 8.23 9.12
C VAL A 336 21.03 7.20 10.25
N LYS A 337 21.26 7.67 11.48
CA LYS A 337 21.40 6.73 12.59
C LYS A 337 20.04 6.29 13.09
N THR A 338 20.02 5.11 13.71
CA THR A 338 18.77 4.47 14.11
C THR A 338 18.32 5.00 15.48
N CYS A 339 17.06 4.71 15.81
CA CYS A 339 16.53 5.03 17.13
C CYS A 339 17.52 4.66 18.23
N ARG A 340 18.07 3.45 18.16
CA ARG A 340 19.17 3.07 19.04
C ARG A 340 20.46 3.76 18.59
N GLY A 369 27.01 16.10 5.06
CA GLY A 369 26.76 16.64 3.74
C GLY A 369 26.19 15.62 2.78
N SER A 370 26.47 15.80 1.49
CA SER A 370 25.91 14.94 0.45
C SER A 370 26.79 15.03 -0.79
N ASP A 371 26.71 14.00 -1.63
CA ASP A 371 27.51 13.93 -2.85
C ASP A 371 26.67 13.29 -3.96
N GLU A 372 27.04 13.60 -5.20
CA GLU A 372 26.31 13.06 -6.36
C GLU A 372 26.85 11.69 -6.72
N VAL A 373 25.97 10.80 -7.14
CA VAL A 373 26.37 9.47 -7.58
C VAL A 373 25.42 9.02 -8.69
N TRP A 374 25.93 8.17 -9.58
CA TRP A 374 25.11 7.60 -10.63
C TRP A 374 24.26 6.47 -10.05
N SER A 375 23.02 6.36 -10.53
CA SER A 375 22.13 5.27 -10.16
C SER A 375 21.62 4.62 -11.43
N ASP A 376 21.83 3.32 -11.55
CA ASP A 376 21.54 2.58 -12.76
C ASP A 376 20.47 1.54 -12.48
N SER A 377 19.97 0.93 -13.56
CA SER A 377 19.07 -0.21 -13.40
C SER A 377 19.19 -1.21 -14.55
N GLU A 378 20.20 -1.09 -15.41
N GLU A 378 20.20 -1.10 -15.40
CA GLU A 378 20.42 -2.07 -16.47
CA GLU A 378 20.37 -2.09 -16.48
C GLU A 378 20.42 -3.49 -15.92
C GLU A 378 20.42 -3.50 -15.93
N GLN A 379 21.00 -3.68 -14.75
CA GLN A 379 21.14 -5.01 -14.17
C GLN A 379 19.76 -5.64 -13.88
N SER A 380 18.86 -4.86 -13.28
CA SER A 380 17.50 -5.38 -13.10
C SER A 380 16.79 -5.63 -14.43
N PHE A 381 17.19 -4.93 -15.48
CA PHE A 381 16.54 -5.14 -16.77
C PHE A 381 17.20 -6.23 -17.61
N LEU A 382 18.45 -6.60 -17.32
CA LEU A 382 19.08 -7.66 -18.10
C LEU A 382 18.53 -9.03 -17.72
N ASP A 383 18.21 -9.26 -16.45
CA ASP A 383 17.64 -10.53 -16.04
C ASP A 383 16.13 -10.49 -16.21
N PRO A 384 15.54 -11.29 -17.10
CA PRO A 384 14.07 -11.27 -17.24
C PRO A 384 13.33 -11.69 -15.99
N ASP A 385 13.99 -12.37 -15.05
CA ASP A 385 13.34 -12.87 -13.85
C ASP A 385 13.52 -11.95 -12.64
N ILE A 386 14.29 -10.87 -12.76
CA ILE A 386 14.24 -9.85 -11.73
C ILE A 386 12.90 -9.13 -11.85
N GLY A 387 12.18 -9.01 -10.73
CA GLY A 387 10.82 -8.52 -10.74
C GLY A 387 10.69 -7.00 -10.64
N GLY A 388 9.45 -6.54 -10.65
CA GLY A 388 9.17 -5.12 -10.59
C GLY A 388 7.85 -4.75 -11.23
N VAL A 389 6.80 -5.47 -10.87
CA VAL A 389 5.47 -5.21 -11.42
C VAL A 389 4.86 -4.07 -10.64
N ALA A 390 4.59 -2.96 -11.33
CA ALA A 390 3.95 -1.81 -10.73
C ALA A 390 2.52 -1.64 -11.22
N VAL A 391 1.68 -1.03 -10.38
CA VAL A 391 0.39 -0.48 -10.80
C VAL A 391 0.49 1.04 -10.69
N ALA A 392 -0.29 1.73 -11.51
CA ALA A 392 -0.34 3.20 -11.51
C ALA A 392 -1.70 3.64 -10.97
N PRO A 393 -1.84 3.79 -9.65
CA PRO A 393 -3.16 4.11 -9.09
C PRO A 393 -3.52 5.57 -9.31
N THR A 394 -4.78 5.78 -9.66
CA THR A 394 -5.31 7.07 -10.06
C THR A 394 -5.90 7.82 -8.87
N HIS A 395 -6.19 9.11 -9.10
CA HIS A 395 -6.90 9.95 -8.14
C HIS A 395 -8.23 9.31 -7.71
N GLY A 396 -8.38 9.09 -6.41
CA GLY A 396 -9.61 8.55 -5.88
C GLY A 396 -9.72 7.03 -5.91
N SER A 397 -8.67 6.33 -6.33
CA SER A 397 -8.74 4.89 -6.42
C SER A 397 -8.44 4.24 -5.07
N ILE A 398 -8.77 2.96 -4.96
CA ILE A 398 -8.60 2.21 -3.73
C ILE A 398 -7.87 0.91 -4.05
N LEU A 399 -6.77 0.68 -3.35
CA LEU A 399 -5.91 -0.46 -3.59
C LEU A 399 -5.92 -1.37 -2.37
N ILE A 400 -6.09 -2.67 -2.59
CA ILE A 400 -6.18 -3.64 -1.51
C ILE A 400 -5.09 -4.68 -1.73
N GLU A 401 -4.24 -4.89 -0.73
CA GLU A 401 -3.19 -5.89 -0.83
C GLU A 401 -2.85 -6.38 0.57
N CYS A 402 -2.34 -7.60 0.66
CA CYS A 402 -1.87 -8.11 1.94
C CYS A 402 -0.41 -7.67 2.11
N ALA A 403 -0.24 -6.45 2.63
CA ALA A 403 1.07 -5.84 2.81
C ALA A 403 1.90 -6.52 3.89
N LYS A 404 1.29 -7.33 4.74
CA LYS A 404 2.10 -8.09 5.68
C LYS A 404 2.96 -9.12 4.96
N ARG A 405 2.44 -9.70 3.88
CA ARG A 405 3.06 -10.86 3.23
C ARG A 405 3.82 -10.53 1.96
N GLU A 406 3.33 -9.59 1.15
CA GLU A 406 3.95 -9.30 -0.13
C GLU A 406 4.92 -8.14 0.01
N LEU A 407 6.16 -8.35 -0.46
CA LEU A 407 7.10 -7.25 -0.54
C LEU A 407 6.52 -6.19 -1.48
N HIS A 408 6.47 -4.95 -1.02
CA HIS A 408 5.90 -3.90 -1.85
C HIS A 408 6.66 -2.61 -1.62
N ALA A 409 6.47 -1.64 -2.52
CA ALA A 409 7.22 -0.39 -2.49
C ALA A 409 6.53 0.69 -3.33
N THR A 410 6.91 1.94 -3.09
CA THR A 410 6.54 3.06 -3.94
C THR A 410 7.80 3.72 -4.50
N THR A 411 7.67 4.23 -5.73
CA THR A 411 8.78 4.81 -6.45
C THR A 411 9.06 6.23 -5.99
N PRO A 412 10.33 6.65 -6.01
CA PRO A 412 10.67 8.01 -5.58
C PRO A 412 10.25 9.02 -6.62
N LEU A 413 9.88 10.21 -6.13
CA LEU A 413 9.49 11.29 -7.03
C LEU A 413 10.72 12.03 -7.55
N LYS A 414 10.57 12.63 -8.73
CA LYS A 414 11.69 13.38 -9.32
C LYS A 414 12.03 14.61 -8.46
N ASN A 415 11.01 15.35 -8.01
CA ASN A 415 11.21 16.50 -7.13
CA ASN A 415 11.20 16.51 -7.14
C ASN A 415 10.17 16.44 -6.03
N PRO A 416 10.45 15.71 -4.96
CA PRO A 416 9.45 15.54 -3.90
C PRO A 416 9.18 16.88 -3.22
N ASN A 417 7.92 17.06 -2.83
CA ASN A 417 7.45 18.32 -2.28
C ASN A 417 6.17 18.03 -1.51
N ARG A 418 6.30 17.83 -0.20
CA ARG A 418 5.12 17.50 0.58
C ARG A 418 4.19 18.69 0.76
N ASN A 419 4.59 19.89 0.31
CA ASN A 419 3.71 21.05 0.31
C ASN A 419 2.80 21.08 -0.91
N HIS A 420 3.12 20.30 -1.94
CA HIS A 420 2.31 20.22 -3.14
C HIS A 420 2.57 18.86 -3.80
N PRO A 421 2.18 17.76 -3.13
CA PRO A 421 2.69 16.44 -3.51
C PRO A 421 2.16 15.95 -4.84
N THR A 422 2.98 15.17 -5.53
CA THR A 422 2.53 14.46 -6.72
C THR A 422 1.51 13.39 -6.36
N ARG A 423 1.69 12.73 -5.22
CA ARG A 423 0.77 11.70 -4.77
C ARG A 423 0.67 11.69 -3.25
N ILE A 424 -0.56 11.58 -2.77
CA ILE A 424 -0.86 11.29 -1.37
C ILE A 424 -1.45 9.89 -1.33
N SER A 425 -0.90 9.03 -0.47
CA SER A 425 -1.58 7.78 -0.18
C SER A 425 -2.02 7.78 1.28
N LEU A 426 -3.22 7.26 1.50
CA LEU A 426 -3.80 7.06 2.82
C LEU A 426 -3.92 5.56 2.99
N VAL A 427 -3.13 5.01 3.92
CA VAL A 427 -2.97 3.58 4.12
C VAL A 427 -3.73 3.22 5.38
N PHE A 428 -4.78 2.41 5.23
CA PHE A 428 -5.62 2.00 6.36
C PHE A 428 -5.33 0.55 6.71
N TYR A 429 -5.07 0.28 7.99
CA TYR A 429 -4.61 -1.03 8.40
C TYR A 429 -5.04 -1.31 9.83
N GLN A 430 -4.93 -2.59 10.23
CA GLN A 430 -5.07 -2.96 11.63
C GLN A 430 -3.85 -3.74 12.08
N HIS A 431 -3.17 -3.24 13.10
CA HIS A 431 -2.02 -3.92 13.65
C HIS A 431 -2.42 -5.14 14.46
N LYS A 432 -1.42 -5.97 14.77
CA LYS A 432 -1.63 -7.15 15.57
C LYS A 432 -1.89 -6.78 17.04
N SER A 433 -2.52 -7.71 17.75
CA SER A 433 -2.71 -7.59 19.21
C SER A 433 -3.35 -6.26 19.60
N MET A 434 -4.29 -5.80 18.78
CA MET A 434 -5.08 -4.59 19.05
C MET A 434 -6.51 -4.94 19.48
N ASN A 435 -6.66 -5.93 20.37
CA ASN A 435 -7.98 -6.45 20.70
C ASN A 435 -8.34 -6.24 22.17
N GLU A 436 -7.68 -5.31 22.85
CA GLU A 436 -8.06 -5.07 24.23
C GLU A 436 -8.90 -3.80 24.33
N PRO A 437 -9.87 -3.75 25.24
CA PRO A 437 -10.65 -2.53 25.40
C PRO A 437 -9.80 -1.41 25.98
N LYS A 438 -10.14 -0.18 25.60
CA LYS A 438 -9.50 1.01 26.18
C LYS A 438 -7.98 0.98 25.94
N HIS A 439 -7.58 0.58 24.74
CA HIS A 439 -6.18 0.53 24.33
C HIS A 439 -5.36 -0.40 25.21
N GLY A 440 -5.99 -1.38 25.85
CA GLY A 440 -5.23 -2.26 26.72
C GLY A 440 -4.83 -1.65 28.03
N LEU A 441 -5.56 -0.63 28.50
CA LEU A 441 -5.18 0.04 29.73
C LEU A 441 -5.36 -0.87 30.94
N ALA A 442 -6.36 -1.75 30.91
CA ALA A 442 -6.60 -2.62 32.05
C ALA A 442 -5.46 -3.63 32.21
N LEU A 443 -5.06 -4.28 31.11
CA LEU A 443 -4.00 -5.26 31.22
C LEU A 443 -2.70 -4.60 31.69
N TRP A 444 -2.41 -3.39 31.20
CA TRP A 444 -1.19 -2.69 31.62
C TRP A 444 -1.19 -2.40 33.12
N GLU A 445 -2.29 -1.88 33.64
CA GLU A 445 -2.37 -1.68 35.08
C GLU A 445 -2.22 -3.00 35.82
N ALA A 446 -2.90 -4.05 35.33
CA ALA A 446 -2.73 -5.36 35.94
C ALA A 446 -1.30 -5.85 35.80
N LYS A 447 -0.64 -5.54 34.68
CA LYS A 447 0.73 -5.96 34.48
C LYS A 447 1.65 -5.36 35.53
N MET A 448 1.63 -4.03 35.66
CA MET A 448 2.46 -3.39 36.67
C MET A 448 2.01 -3.74 38.08
N ALA A 449 0.77 -4.24 38.24
CA ALA A 449 0.31 -4.71 39.54
C ALA A 449 1.01 -5.98 39.99
N GLU A 450 1.82 -6.60 39.13
CA GLU A 450 2.77 -7.62 39.56
C GLU A 450 4.03 -6.89 40.00
N LYS A 451 4.06 -6.50 41.27
CA LYS A 451 5.13 -5.68 41.83
C LYS A 451 5.58 -6.26 43.17
N ALA A 452 6.71 -6.96 43.16
CA ALA A 452 7.44 -7.31 44.38
C ALA A 452 6.61 -8.08 45.40
#